data_6QR1
#
_entry.id   6QR1
#
_cell.length_a   74.432
_cell.length_b   77.484
_cell.length_c   86.716
_cell.angle_alpha   90.000
_cell.angle_beta   90.000
_cell.angle_gamma   90.000
#
_symmetry.space_group_name_H-M   'P 21 21 21'
#
loop_
_entity.id
_entity.type
_entity.pdbx_description
1 polymer 'tRNA (guanine-N(1)-)-methyltransferase'
2 non-polymer 3-azanyl-5-[3-chloranyl-1-(pyridin-3-ylmethyl)indol-6-yl]-1~{H}-pyrazole-4-carbonitrile
3 water water
#
_entity_poly.entity_id   1
_entity_poly.type   'polypeptide(L)'
_entity_poly.pdbx_seq_one_letter_code
;GSMKIDVVTIFPEYLQPVRQSLPGKAIDAGLVDVAVHDLRRWTHDVHKSVDDSPYGGGPGMVMKPTVWGDALDEICTSET
LLVVPTPAGYPFTQETAWQWSTEDHLVIACGRYEGIDQRVADDAATRMRVREVSIGDYVLNGGEAAALVIIEAVLRLVPG
VLGNALSAQEDSHSEGMASLLEGPSYTRPPSWRGMDVPPVLLSGDHAKIAAWRAEQSRQRTIERRPDLLGFDSPTGEHGG
DGLS
;
_entity_poly.pdbx_strand_id   A,B
#
loop_
_chem_comp.id
_chem_comp.type
_chem_comp.name
_chem_comp.formula
JFT non-polymer 3-azanyl-5-[3-chloranyl-1-(pyridin-3-ylmethyl)indol-6-yl]-1~{H}-pyrazole-4-carbonitrile 'C18 H13 Cl N6'
#
# COMPACT_ATOMS: atom_id res chain seq x y z
N SER A 2 7.02 21.71 -5.51
CA SER A 2 5.63 22.16 -5.53
C SER A 2 4.73 21.21 -6.33
N MET A 3 3.93 20.42 -5.63
CA MET A 3 3.13 19.41 -6.31
C MET A 3 1.65 19.52 -5.97
N LYS A 4 0.83 19.40 -7.01
CA LYS A 4 -0.62 19.26 -6.85
C LYS A 4 -0.99 17.82 -7.09
N ILE A 5 -1.74 17.23 -6.16
CA ILE A 5 -2.29 15.90 -6.38
C ILE A 5 -3.80 15.98 -6.35
N ASP A 6 -4.46 15.49 -7.41
CA ASP A 6 -5.90 15.34 -7.42
C ASP A 6 -6.22 13.86 -7.36
N VAL A 7 -7.09 13.46 -6.44
CA VAL A 7 -7.52 12.06 -6.37
C VAL A 7 -8.99 11.99 -6.72
N VAL A 8 -9.36 11.05 -7.60
CA VAL A 8 -10.77 10.88 -7.97
C VAL A 8 -11.24 9.51 -7.49
N THR A 9 -12.37 9.48 -6.79
CA THR A 9 -12.79 8.26 -6.10
C THR A 9 -14.27 8.32 -5.80
N ILE A 10 -14.93 7.16 -5.70
CA ILE A 10 -16.31 7.18 -5.21
C ILE A 10 -16.37 7.12 -3.70
N PHE A 11 -15.21 7.03 -3.06
CA PHE A 11 -15.14 7.07 -1.59
C PHE A 11 -14.19 8.15 -1.12
N PRO A 12 -14.57 9.44 -1.30
CA PRO A 12 -13.66 10.51 -0.94
C PRO A 12 -13.26 10.50 0.52
N GLU A 13 -14.15 10.01 1.39
CA GLU A 13 -13.86 9.97 2.82
C GLU A 13 -12.65 9.07 3.13
N TYR A 14 -12.38 8.10 2.27
CA TYR A 14 -11.24 7.20 2.46
C TYR A 14 -9.91 7.96 2.39
N LEU A 15 -9.90 9.06 1.65
CA LEU A 15 -8.66 9.80 1.43
C LEU A 15 -8.43 10.92 2.45
N GLN A 16 -9.42 11.17 3.31
CA GLN A 16 -9.33 12.23 4.32
C GLN A 16 -8.04 12.24 5.18
N PRO A 17 -7.55 11.06 5.60
CA PRO A 17 -6.30 11.07 6.38
C PRO A 17 -5.06 11.59 5.66
N VAL A 18 -5.03 11.57 4.33
CA VAL A 18 -3.91 12.14 3.61
C VAL A 18 -3.80 13.62 3.93
N ARG A 19 -4.93 14.32 3.87
CA ARG A 19 -4.95 15.75 4.16
C ARG A 19 -4.69 16.03 5.64
N GLN A 20 -4.82 14.99 6.46
CA GLN A 20 -4.45 15.08 7.88
C GLN A 20 -2.94 15.02 8.06
N SER A 21 -2.28 14.19 7.25
CA SER A 21 -0.85 13.96 7.41
C SER A 21 -0.01 15.12 6.86
N LEU A 22 -0.65 16.07 6.19
CA LEU A 22 0.05 17.20 5.60
C LEU A 22 0.31 18.33 6.59
N PRO A 23 1.60 18.61 6.89
CA PRO A 23 1.99 19.71 7.76
C PRO A 23 1.58 21.07 7.20
N GLY A 24 1.12 21.96 8.08
CA GLY A 24 0.65 23.26 7.68
C GLY A 24 1.71 24.08 6.99
N LYS A 25 2.95 23.94 7.44
CA LYS A 25 4.08 24.68 6.87
C LYS A 25 4.25 24.38 5.39
N ALA A 26 4.13 23.10 5.01
CA ALA A 26 4.29 22.71 3.61
C ALA A 26 3.16 23.27 2.74
N ILE A 27 1.94 23.23 3.26
CA ILE A 27 0.79 23.77 2.53
C ILE A 27 0.90 25.29 2.41
N ASP A 28 1.22 25.94 3.53
CA ASP A 28 1.34 27.39 3.56
C ASP A 28 2.49 27.89 2.70
N ALA A 29 3.55 27.09 2.59
CA ALA A 29 4.66 27.44 1.70
C ALA A 29 4.32 27.11 0.25
N GLY A 30 3.14 26.56 0.02
CA GLY A 30 2.68 26.23 -1.31
C GLY A 30 3.49 25.11 -1.94
N LEU A 31 4.00 24.20 -1.12
CA LEU A 31 4.80 23.09 -1.60
C LEU A 31 3.94 21.93 -2.05
N VAL A 32 2.71 21.88 -1.54
CA VAL A 32 1.84 20.74 -1.82
C VAL A 32 0.38 21.08 -1.62
N ASP A 33 -0.46 20.46 -2.44
CA ASP A 33 -1.90 20.60 -2.38
C ASP A 33 -2.49 19.24 -2.80
N VAL A 34 -3.29 18.63 -1.93
CA VAL A 34 -3.97 17.38 -2.26
C VAL A 34 -5.47 17.61 -2.22
N ALA A 35 -6.13 17.44 -3.36
CA ALA A 35 -7.57 17.61 -3.44
C ALA A 35 -8.21 16.28 -3.76
N VAL A 36 -9.35 16.00 -3.13
CA VAL A 36 -10.06 14.75 -3.36
C VAL A 36 -11.41 15.05 -3.98
N HIS A 37 -11.76 14.29 -5.03
CA HIS A 37 -12.99 14.56 -5.77
C HIS A 37 -13.85 13.32 -5.81
N ASP A 38 -15.13 13.51 -5.53
CA ASP A 38 -16.12 12.45 -5.66
C ASP A 38 -16.43 12.22 -7.12
N LEU A 39 -16.14 11.03 -7.63
CA LEU A 39 -16.43 10.70 -9.04
C LEU A 39 -17.88 10.97 -9.40
N ARG A 40 -18.79 10.87 -8.44
CA ARG A 40 -20.20 10.99 -8.80
C ARG A 40 -20.59 12.40 -9.25
N ARG A 41 -19.71 13.36 -9.02
CA ARG A 41 -19.92 14.72 -9.53
C ARG A 41 -20.01 14.74 -11.06
N TRP A 42 -19.45 13.72 -11.70
CA TRP A 42 -19.45 13.65 -13.16
C TRP A 42 -20.41 12.58 -13.73
N THR A 43 -21.31 12.06 -12.91
CA THR A 43 -22.31 11.12 -13.43
C THR A 43 -23.38 11.86 -14.24
N HIS A 44 -24.08 11.12 -15.10
CA HIS A 44 -25.01 11.73 -16.04
C HIS A 44 -26.46 11.59 -15.65
N ASP A 45 -26.75 10.70 -14.72
CA ASP A 45 -28.13 10.32 -14.46
C ASP A 45 -28.54 10.56 -13.03
N VAL A 46 -29.84 10.54 -12.78
CA VAL A 46 -30.32 10.82 -11.45
C VAL A 46 -29.89 9.73 -10.46
N HIS A 47 -29.57 8.54 -10.95
CA HIS A 47 -29.14 7.45 -10.06
C HIS A 47 -27.63 7.49 -9.79
N LYS A 48 -26.96 8.48 -10.38
CA LYS A 48 -25.52 8.67 -10.20
C LYS A 48 -24.73 7.38 -10.44
N SER A 49 -24.97 6.77 -11.60
CA SER A 49 -24.38 5.48 -11.94
C SER A 49 -22.92 5.62 -12.31
N VAL A 50 -22.08 4.77 -11.72
CA VAL A 50 -20.66 4.82 -12.04
C VAL A 50 -20.17 3.52 -12.65
N ASP A 51 -21.03 2.50 -12.67
CA ASP A 51 -20.65 1.18 -13.17
C ASP A 51 -21.74 0.54 -14.03
N ASP A 52 -21.37 -0.53 -14.72
CA ASP A 52 -22.26 -1.18 -15.69
C ASP A 52 -21.70 -2.57 -15.99
N SER A 53 -22.51 -3.42 -16.62
CA SER A 53 -22.09 -4.82 -16.81
C SER A 53 -20.94 -4.97 -17.81
N PRO A 54 -20.07 -5.97 -17.58
CA PRO A 54 -18.90 -6.15 -18.44
C PRO A 54 -19.25 -6.75 -19.80
N TYR A 55 -18.74 -6.16 -20.87
CA TYR A 55 -18.86 -6.78 -22.19
C TYR A 55 -18.12 -8.09 -22.18
N GLY A 56 -18.71 -9.11 -22.81
CA GLY A 56 -18.09 -10.41 -22.84
C GLY A 56 -18.46 -11.25 -21.63
N GLY A 57 -19.23 -10.65 -20.72
CA GLY A 57 -19.72 -11.37 -19.57
C GLY A 57 -18.70 -11.45 -18.46
N GLY A 58 -19.06 -12.19 -17.41
CA GLY A 58 -18.18 -12.34 -16.27
C GLY A 58 -18.79 -11.75 -15.03
N PRO A 59 -18.16 -12.00 -13.88
CA PRO A 59 -18.67 -11.48 -12.62
C PRO A 59 -18.29 -10.02 -12.44
N GLY A 60 -18.99 -9.35 -11.52
CA GLY A 60 -18.65 -7.99 -11.19
C GLY A 60 -19.11 -6.99 -12.22
N MET A 61 -18.68 -5.75 -12.03
CA MET A 61 -19.09 -4.63 -12.86
C MET A 61 -17.85 -3.86 -13.31
N VAL A 62 -18.03 -2.99 -14.29
CA VAL A 62 -16.94 -2.21 -14.87
C VAL A 62 -17.29 -0.74 -14.76
N MET A 63 -16.34 0.10 -14.37
CA MET A 63 -16.69 1.51 -14.28
C MET A 63 -16.84 2.15 -15.64
N LYS A 64 -17.83 3.05 -15.72
CA LYS A 64 -18.28 3.61 -16.99
C LYS A 64 -17.26 4.56 -17.61
N PRO A 65 -16.97 4.41 -18.91
CA PRO A 65 -16.01 5.32 -19.51
C PRO A 65 -16.51 6.77 -19.63
N THR A 66 -17.80 6.96 -19.82
CA THR A 66 -18.30 8.32 -20.04
C THR A 66 -18.14 9.19 -18.80
N VAL A 67 -18.39 8.61 -17.62
CA VAL A 67 -18.22 9.31 -16.36
C VAL A 67 -16.75 9.67 -16.10
N TRP A 68 -15.88 8.67 -16.19
CA TRP A 68 -14.44 8.89 -16.01
C TRP A 68 -13.87 9.85 -17.04
N GLY A 69 -14.34 9.73 -18.28
CA GLY A 69 -13.85 10.60 -19.34
C GLY A 69 -14.12 12.05 -19.02
N ASP A 70 -15.32 12.35 -18.54
CA ASP A 70 -15.67 13.71 -18.14
C ASP A 70 -14.84 14.19 -16.96
N ALA A 71 -14.64 13.32 -15.98
CA ALA A 71 -13.89 13.71 -14.78
C ALA A 71 -12.45 14.05 -15.15
N LEU A 72 -11.82 13.18 -15.92
CA LEU A 72 -10.43 13.41 -16.28
C LEU A 72 -10.29 14.60 -17.23
N ASP A 73 -11.29 14.82 -18.09
CA ASP A 73 -11.26 15.97 -18.99
C ASP A 73 -11.19 17.25 -18.18
N GLU A 74 -11.92 17.28 -17.08
CA GLU A 74 -11.97 18.49 -16.27
C GLU A 74 -10.70 18.68 -15.45
N ILE A 75 -10.19 17.59 -14.90
CA ILE A 75 -9.12 17.65 -13.91
CA ILE A 75 -9.12 17.65 -13.92
C ILE A 75 -7.72 17.63 -14.55
N CYS A 76 -7.55 16.87 -15.62
CA CYS A 76 -6.23 16.71 -16.20
C CYS A 76 -5.89 17.80 -17.20
N THR A 77 -4.59 18.05 -17.34
CA THR A 77 -4.10 18.84 -18.47
C THR A 77 -3.05 18.02 -19.20
N SER A 78 -2.49 18.59 -20.26
CA SER A 78 -1.43 17.90 -21.00
C SER A 78 -0.21 17.61 -20.14
N GLU A 79 -0.08 18.35 -19.03
CA GLU A 79 1.11 18.22 -18.19
C GLU A 79 0.93 17.19 -17.08
N THR A 80 -0.31 16.74 -16.90
CA THR A 80 -0.65 15.79 -15.84
C THR A 80 0.03 14.44 -15.99
N LEU A 81 0.51 13.89 -14.88
CA LEU A 81 0.84 12.47 -14.84
C LEU A 81 -0.35 11.74 -14.25
N LEU A 82 -1.04 10.95 -15.08
CA LEU A 82 -2.23 10.25 -14.62
C LEU A 82 -1.82 8.89 -14.10
N VAL A 83 -2.11 8.66 -12.83
CA VAL A 83 -1.77 7.42 -12.14
C VAL A 83 -3.03 6.61 -11.93
N VAL A 84 -3.01 5.37 -12.41
CA VAL A 84 -4.19 4.51 -12.30
C VAL A 84 -3.81 3.25 -11.57
N PRO A 85 -4.12 3.18 -10.27
CA PRO A 85 -3.85 1.94 -9.55
C PRO A 85 -4.65 0.80 -10.16
N THR A 86 -4.00 -0.36 -10.28
CA THR A 86 -4.64 -1.57 -10.79
C THR A 86 -3.80 -2.79 -10.44
N PRO A 87 -4.45 -3.90 -10.07
CA PRO A 87 -3.67 -5.09 -9.76
C PRO A 87 -2.92 -5.60 -10.99
N ALA A 88 -3.30 -5.12 -12.17
CA ALA A 88 -2.61 -5.50 -13.39
C ALA A 88 -1.56 -4.47 -13.82
N GLY A 89 -1.18 -3.57 -12.90
CA GLY A 89 -0.26 -2.50 -13.27
C GLY A 89 1.19 -2.92 -13.27
N TYR A 90 2.03 -2.07 -13.87
CA TYR A 90 3.46 -2.16 -13.65
C TYR A 90 3.74 -1.96 -12.15
N PRO A 91 4.80 -2.55 -11.62
CA PRO A 91 5.07 -2.40 -10.19
C PRO A 91 5.45 -0.98 -9.82
N PHE A 92 4.77 -0.46 -8.80
CA PHE A 92 5.17 0.79 -8.18
C PHE A 92 6.32 0.51 -7.21
N THR A 93 7.47 1.14 -7.44
CA THR A 93 8.64 0.94 -6.61
C THR A 93 9.18 2.28 -6.12
N GLN A 94 10.22 2.20 -5.28
CA GLN A 94 10.86 3.40 -4.77
C GLN A 94 11.41 4.24 -5.91
N GLU A 95 11.86 3.58 -6.97
CA GLU A 95 12.35 4.30 -8.15
C GLU A 95 11.20 5.09 -8.77
N THR A 96 10.02 4.48 -8.83
CA THR A 96 8.84 5.17 -9.33
C THR A 96 8.53 6.39 -8.47
N ALA A 97 8.55 6.19 -7.16
CA ALA A 97 8.26 7.28 -6.22
C ALA A 97 9.21 8.45 -6.42
N TRP A 98 10.51 8.17 -6.58
CA TRP A 98 11.50 9.20 -6.85
C TRP A 98 11.20 9.96 -8.13
N GLN A 99 10.86 9.20 -9.17
CA GLN A 99 10.55 9.81 -10.46
C GLN A 99 9.36 10.74 -10.35
N TRP A 100 8.32 10.31 -9.66
CA TRP A 100 7.08 11.08 -9.61
C TRP A 100 7.17 12.26 -8.65
N SER A 101 8.16 12.24 -7.76
CA SER A 101 8.26 13.27 -6.73
C SER A 101 8.59 14.65 -7.28
N THR A 102 9.04 14.72 -8.54
CA THR A 102 9.36 16.00 -9.14
C THR A 102 8.25 16.49 -10.08
N GLU A 103 7.15 15.75 -10.15
CA GLU A 103 6.03 16.15 -11.02
C GLU A 103 5.28 17.36 -10.48
N ASP A 104 4.77 18.19 -11.38
CA ASP A 104 3.94 19.32 -10.99
C ASP A 104 2.52 18.89 -10.61
N HIS A 105 2.02 17.86 -11.28
CA HIS A 105 0.61 17.50 -11.16
C HIS A 105 0.39 16.01 -11.33
N LEU A 106 0.02 15.34 -10.24
CA LEU A 106 -0.41 13.95 -10.30
C LEU A 106 -1.92 13.90 -10.17
N VAL A 107 -2.56 13.09 -11.00
CA VAL A 107 -3.97 12.79 -10.84
C VAL A 107 -4.07 11.29 -10.61
N ILE A 108 -4.67 10.90 -9.51
CA ILE A 108 -4.80 9.47 -9.21
C ILE A 108 -6.25 9.05 -9.36
N ALA A 109 -6.47 8.17 -10.34
CA ALA A 109 -7.82 7.70 -10.65
C ALA A 109 -8.09 6.38 -9.97
N CYS A 110 -8.88 6.43 -8.91
CA CYS A 110 -9.19 5.26 -8.09
C CYS A 110 -10.46 4.59 -8.55
N GLY A 111 -10.36 3.35 -9.01
CA GLY A 111 -11.54 2.61 -9.40
C GLY A 111 -11.97 1.58 -8.38
N ARG A 112 -13.06 0.90 -8.71
CA ARG A 112 -13.65 -0.14 -7.88
C ARG A 112 -14.18 -1.24 -8.80
N TYR A 113 -14.81 -2.25 -8.21
CA TYR A 113 -15.37 -3.38 -8.96
C TYR A 113 -14.28 -4.06 -9.77
N GLU A 114 -14.54 -4.41 -11.03
CA GLU A 114 -13.51 -5.14 -11.77
C GLU A 114 -12.50 -4.23 -12.47
N GLY A 115 -12.70 -2.92 -12.39
CA GLY A 115 -11.79 -2.01 -13.05
C GLY A 115 -12.51 -0.90 -13.80
N ILE A 116 -11.74 -0.03 -14.42
CA ILE A 116 -12.26 1.07 -15.23
C ILE A 116 -12.18 0.65 -16.69
N ASP A 117 -13.25 0.90 -17.44
CA ASP A 117 -13.24 0.63 -18.88
C ASP A 117 -11.89 1.06 -19.46
N GLN A 118 -11.22 0.14 -20.17
CA GLN A 118 -9.83 0.37 -20.60
C GLN A 118 -9.69 1.58 -21.53
N ARG A 119 -10.78 1.96 -22.19
CA ARG A 119 -10.70 3.09 -23.10
C ARG A 119 -10.43 4.42 -22.39
N VAL A 120 -10.74 4.49 -21.10
CA VAL A 120 -10.45 5.71 -20.34
C VAL A 120 -8.95 5.99 -20.31
N ALA A 121 -8.17 5.01 -19.85
CA ALA A 121 -6.72 5.17 -19.81
C ALA A 121 -6.12 5.27 -21.21
N ASP A 122 -6.63 4.48 -22.14
CA ASP A 122 -6.11 4.51 -23.51
C ASP A 122 -6.35 5.86 -24.18
N ASP A 123 -7.56 6.43 -24.00
CA ASP A 123 -7.84 7.76 -24.52
C ASP A 123 -6.96 8.81 -23.84
N ALA A 124 -6.86 8.74 -22.50
CA ALA A 124 -6.04 9.70 -21.79
C ALA A 124 -4.60 9.66 -22.28
N ALA A 125 -4.11 8.46 -22.58
CA ALA A 125 -2.72 8.28 -22.98
C ALA A 125 -2.41 8.94 -24.32
N THR A 126 -3.44 9.32 -25.08
CA THR A 126 -3.16 10.00 -26.35
C THR A 126 -2.87 11.49 -26.16
N ARG A 127 -3.05 12.01 -24.95
CA ARG A 127 -2.74 13.42 -24.75
C ARG A 127 -2.05 13.77 -23.43
N MET A 128 -1.77 12.75 -22.62
CA MET A 128 -0.98 12.93 -21.41
C MET A 128 -0.23 11.65 -21.06
N ARG A 129 0.68 11.74 -20.10
CA ARG A 129 1.39 10.57 -19.62
C ARG A 129 0.51 9.79 -18.65
N VAL A 130 0.34 8.50 -18.91
CA VAL A 130 -0.51 7.64 -18.08
C VAL A 130 0.33 6.50 -17.53
N ARG A 131 0.12 6.17 -16.26
CA ARG A 131 0.86 5.11 -15.60
C ARG A 131 -0.09 4.20 -14.84
N GLU A 132 -0.30 2.98 -15.35
CA GLU A 132 -1.04 1.98 -14.61
C GLU A 132 -0.08 1.23 -13.69
N VAL A 133 -0.36 1.20 -12.40
CA VAL A 133 0.62 0.63 -11.47
C VAL A 133 -0.05 -0.17 -10.38
N SER A 134 0.69 -1.14 -9.86
CA SER A 134 0.26 -1.94 -8.70
C SER A 134 1.23 -1.77 -7.54
N ILE A 135 0.71 -1.68 -6.33
CA ILE A 135 1.59 -1.47 -5.16
C ILE A 135 2.05 -2.79 -4.55
N GLY A 136 1.58 -3.92 -5.08
CA GLY A 136 2.04 -5.18 -4.56
C GLY A 136 1.25 -6.37 -5.05
N ASP A 137 1.71 -7.56 -4.67
CA ASP A 137 1.10 -8.79 -5.19
C ASP A 137 0.03 -9.32 -4.27
N TYR A 138 -1.04 -8.55 -4.14
CA TYR A 138 -2.21 -8.92 -3.37
C TYR A 138 -3.36 -8.17 -4.01
N VAL A 139 -4.57 -8.60 -3.70
CA VAL A 139 -5.76 -8.01 -4.30
C VAL A 139 -6.50 -7.14 -3.29
N LEU A 140 -6.83 -5.93 -3.71
CA LEU A 140 -7.63 -5.01 -2.90
C LEU A 140 -9.00 -4.84 -3.55
N ASN A 141 -9.90 -4.11 -2.88
CA ASN A 141 -11.22 -3.92 -3.46
C ASN A 141 -11.27 -2.78 -4.45
N GLY A 142 -10.27 -1.91 -4.39
CA GLY A 142 -10.24 -0.78 -5.30
C GLY A 142 -8.96 -0.02 -5.10
N GLY A 143 -8.83 1.12 -5.79
CA GLY A 143 -7.57 1.83 -5.84
C GLY A 143 -7.27 2.73 -4.65
N GLU A 144 -8.21 2.92 -3.74
CA GLU A 144 -8.03 3.96 -2.71
C GLU A 144 -6.85 3.69 -1.78
N ALA A 145 -6.73 2.45 -1.30
CA ALA A 145 -5.62 2.16 -0.37
C ALA A 145 -4.27 2.28 -1.08
N ALA A 146 -4.25 1.93 -2.37
CA ALA A 146 -3.06 2.08 -3.19
C ALA A 146 -2.70 3.56 -3.35
N ALA A 147 -3.73 4.40 -3.52
CA ALA A 147 -3.50 5.83 -3.63
C ALA A 147 -2.86 6.39 -2.36
N LEU A 148 -3.34 5.92 -1.21
CA LEU A 148 -2.76 6.36 0.07
C LEU A 148 -1.28 6.03 0.13
N VAL A 149 -0.95 4.82 -0.30
CA VAL A 149 0.43 4.37 -0.28
C VAL A 149 1.29 5.19 -1.26
N ILE A 150 0.79 5.37 -2.48
CA ILE A 150 1.52 6.14 -3.48
C ILE A 150 1.75 7.60 -3.03
N ILE A 151 0.71 8.21 -2.49
CA ILE A 151 0.81 9.60 -2.05
C ILE A 151 1.87 9.73 -0.96
N GLU A 152 1.83 8.81 -0.01
CA GLU A 152 2.79 8.89 1.08
C GLU A 152 4.22 8.66 0.57
N ALA A 153 4.40 7.62 -0.25
CA ALA A 153 5.74 7.28 -0.73
C ALA A 153 6.32 8.40 -1.59
N VAL A 154 5.46 9.07 -2.34
CA VAL A 154 5.91 10.14 -3.22
C VAL A 154 6.18 11.42 -2.44
N LEU A 155 5.24 11.83 -1.60
CA LEU A 155 5.37 13.12 -0.93
C LEU A 155 6.47 13.16 0.10
N ARG A 156 6.83 12.01 0.68
CA ARG A 156 7.90 12.05 1.66
C ARG A 156 9.25 12.33 0.97
N LEU A 157 9.28 12.25 -0.35
CA LEU A 157 10.50 12.53 -1.11
C LEU A 157 10.54 13.99 -1.57
N VAL A 158 9.42 14.69 -1.43
CA VAL A 158 9.40 16.12 -1.76
C VAL A 158 9.93 16.91 -0.57
N PRO A 159 11.02 17.64 -0.77
CA PRO A 159 11.71 18.36 0.31
C PRO A 159 10.78 19.12 1.24
N GLY A 160 10.69 18.68 2.49
CA GLY A 160 9.97 19.37 3.52
C GLY A 160 8.45 19.29 3.48
N VAL A 161 7.91 18.27 2.82
CA VAL A 161 6.46 18.17 2.75
C VAL A 161 5.88 17.39 3.94
N LEU A 162 6.25 16.12 4.09
CA LEU A 162 5.60 15.29 5.11
C LEU A 162 6.17 15.47 6.52
N GLY A 163 7.26 16.22 6.64
CA GLY A 163 7.86 16.48 7.93
C GLY A 163 9.14 15.69 8.16
N SER A 179 20.32 -4.01 -3.62
CA SER A 179 20.05 -3.40 -2.33
C SER A 179 19.87 -4.47 -1.25
N LEU A 180 19.99 -4.06 0.00
CA LEU A 180 19.84 -4.96 1.14
C LEU A 180 18.78 -4.42 2.09
N LEU A 181 18.25 -5.29 2.93
CA LEU A 181 17.30 -4.89 3.96
C LEU A 181 18.01 -4.26 5.15
N GLU A 182 17.37 -3.28 5.78
CA GLU A 182 17.89 -2.73 7.01
C GLU A 182 17.80 -3.75 8.13
N GLY A 183 18.85 -3.83 8.97
CA GLY A 183 18.84 -4.74 10.10
C GLY A 183 18.09 -4.15 11.27
N PRO A 184 18.16 -4.83 12.43
CA PRO A 184 17.41 -4.42 13.62
C PRO A 184 17.93 -3.14 14.24
N SER A 185 17.03 -2.40 14.88
CA SER A 185 17.38 -1.18 15.60
C SER A 185 17.08 -1.35 17.08
N TYR A 186 17.83 -0.65 17.93
CA TYR A 186 17.67 -0.73 19.38
C TYR A 186 17.76 0.65 20.00
N THR A 187 17.03 0.86 21.09
CA THR A 187 17.24 2.07 21.88
C THR A 187 17.08 1.72 23.36
N ARG A 188 17.04 2.74 24.23
CA ARG A 188 16.91 2.52 25.66
C ARG A 188 15.62 1.79 26.03
N PRO A 189 15.65 0.98 27.09
CA PRO A 189 16.77 0.70 27.99
C PRO A 189 17.73 -0.37 27.47
N PRO A 190 18.96 -0.42 27.99
CA PRO A 190 19.97 -1.38 27.50
C PRO A 190 19.59 -2.84 27.77
N SER A 191 18.78 -3.06 28.79
CA SER A 191 18.25 -4.38 29.07
CA SER A 191 18.26 -4.38 29.11
C SER A 191 16.74 -4.29 29.29
N TRP A 192 16.01 -5.19 28.63
CA TRP A 192 14.55 -5.16 28.68
C TRP A 192 14.02 -6.57 28.51
N ARG A 193 13.22 -7.01 29.49
CA ARG A 193 12.62 -8.35 29.50
C ARG A 193 13.63 -9.44 29.16
N GLY A 194 14.82 -9.32 29.73
CA GLY A 194 15.84 -10.36 29.63
C GLY A 194 16.65 -10.26 28.36
N MET A 195 16.39 -9.24 27.56
CA MET A 195 17.08 -9.08 26.29
C MET A 195 17.97 -7.84 26.30
N ASP A 196 19.28 -8.08 26.13
CA ASP A 196 20.27 -7.02 26.09
C ASP A 196 20.44 -6.50 24.68
N VAL A 197 20.63 -5.18 24.54
CA VAL A 197 21.06 -4.61 23.28
C VAL A 197 22.42 -5.19 22.95
N PRO A 198 22.63 -5.58 21.67
CA PRO A 198 23.92 -6.17 21.29
C PRO A 198 25.08 -5.28 21.73
N PRO A 199 25.99 -5.84 22.54
CA PRO A 199 27.06 -5.05 23.15
C PRO A 199 27.91 -4.29 22.15
N VAL A 200 28.04 -4.81 20.94
CA VAL A 200 28.85 -4.12 19.93
C VAL A 200 28.34 -2.69 19.73
N LEU A 201 27.03 -2.46 19.86
CA LEU A 201 26.46 -1.13 19.60
C LEU A 201 26.88 -0.12 20.67
N LEU A 202 27.31 -0.63 21.83
CA LEU A 202 27.75 0.26 22.91
C LEU A 202 29.27 0.29 23.03
N SER A 203 29.96 -0.24 22.03
CA SER A 203 31.41 -0.42 22.08
C SER A 203 32.24 0.84 21.77
N GLY A 204 31.65 1.79 21.05
CA GLY A 204 32.41 2.93 20.59
C GLY A 204 33.41 2.57 19.50
N ASP A 205 33.29 1.37 18.95
CA ASP A 205 34.11 0.96 17.82
C ASP A 205 33.25 1.11 16.58
N HIS A 206 33.30 2.27 15.95
CA HIS A 206 32.29 2.55 14.93
C HIS A 206 32.53 1.84 13.62
N ALA A 207 33.77 1.43 13.33
CA ALA A 207 34.00 0.61 12.16
C ALA A 207 33.43 -0.78 12.38
N LYS A 208 33.63 -1.32 13.58
CA LYS A 208 33.08 -2.63 13.93
C LYS A 208 31.55 -2.61 13.92
N ILE A 209 30.97 -1.55 14.47
CA ILE A 209 29.52 -1.38 14.45
C ILE A 209 28.99 -1.40 13.01
N ALA A 210 29.64 -0.65 12.13
CA ALA A 210 29.19 -0.67 10.73
C ALA A 210 29.27 -2.06 10.11
N ALA A 211 30.34 -2.81 10.42
CA ALA A 211 30.49 -4.16 9.89
C ALA A 211 29.41 -5.07 10.45
N TRP A 212 29.08 -4.89 11.72
CA TRP A 212 28.05 -5.71 12.38
C TRP A 212 26.70 -5.44 11.73
N ARG A 213 26.40 -4.17 11.51
CA ARG A 213 25.14 -3.82 10.85
C ARG A 213 25.07 -4.35 9.42
N ALA A 214 26.19 -4.32 8.71
CA ALA A 214 26.25 -4.87 7.36
C ALA A 214 25.93 -6.36 7.35
N GLU A 215 26.50 -7.09 8.30
CA GLU A 215 26.26 -8.52 8.39
C GLU A 215 24.82 -8.84 8.80
N GLN A 216 24.25 -8.04 9.71
CA GLN A 216 22.85 -8.21 10.08
C GLN A 216 21.96 -8.03 8.87
N SER A 217 22.28 -7.01 8.08
CA SER A 217 21.54 -6.71 6.86
CA SER A 217 21.53 -6.72 6.86
C SER A 217 21.64 -7.87 5.86
N ARG A 218 22.85 -8.39 5.70
CA ARG A 218 23.05 -9.52 4.80
C ARG A 218 22.23 -10.73 5.24
N GLN A 219 22.29 -11.06 6.53
CA GLN A 219 21.55 -12.21 7.04
C GLN A 219 20.04 -12.04 6.92
N ARG A 220 19.56 -10.84 7.19
CA ARG A 220 18.13 -10.58 7.13
C ARG A 220 17.66 -10.67 5.68
N THR A 221 18.48 -10.19 4.76
CA THR A 221 18.11 -10.21 3.36
C THR A 221 18.07 -11.67 2.86
N ILE A 222 19.07 -12.46 3.22
CA ILE A 222 19.06 -13.90 2.88
C ILE A 222 17.79 -14.59 3.39
N GLU A 223 17.43 -14.30 4.64
CA GLU A 223 16.29 -14.97 5.27
C GLU A 223 14.95 -14.51 4.69
N ARG A 224 14.80 -13.20 4.50
CA ARG A 224 13.48 -12.63 4.21
C ARG A 224 13.26 -12.28 2.74
N ARG A 225 14.34 -11.94 2.04
CA ARG A 225 14.24 -11.49 0.65
C ARG A 225 15.39 -12.04 -0.21
N PRO A 226 15.49 -13.37 -0.32
CA PRO A 226 16.58 -13.95 -1.14
C PRO A 226 16.54 -13.45 -2.59
N ASP A 227 15.37 -13.00 -3.03
CA ASP A 227 15.22 -12.50 -4.40
C ASP A 227 16.10 -11.27 -4.66
N LEU A 228 16.49 -10.58 -3.59
CA LEU A 228 17.31 -9.37 -3.71
C LEU A 228 18.79 -9.70 -3.91
N LEU A 229 19.13 -10.96 -3.76
CA LEU A 229 20.51 -11.41 -3.91
C LEU A 229 20.67 -12.31 -5.14
N SER B 2 -15.17 -15.32 11.68
CA SER B 2 -15.16 -14.28 12.71
C SER B 2 -13.73 -13.85 13.01
N MET B 3 -13.46 -12.56 12.86
CA MET B 3 -12.13 -12.04 13.12
C MET B 3 -12.15 -10.75 13.93
N LYS B 4 -11.20 -10.61 14.84
CA LYS B 4 -10.97 -9.35 15.54
C LYS B 4 -9.63 -8.79 15.08
N ILE B 5 -9.60 -7.52 14.68
CA ILE B 5 -8.35 -6.86 14.36
C ILE B 5 -8.14 -5.67 15.29
N ASP B 6 -7.00 -5.67 15.98
CA ASP B 6 -6.59 -4.52 16.78
C ASP B 6 -5.40 -3.85 16.11
N VAL B 7 -5.45 -2.54 15.97
CA VAL B 7 -4.35 -1.79 15.37
C VAL B 7 -3.80 -0.84 16.42
N VAL B 8 -2.48 -0.87 16.61
CA VAL B 8 -1.85 0.00 17.60
C VAL B 8 -0.97 0.99 16.87
N THR B 9 -1.12 2.28 17.20
CA THR B 9 -0.50 3.35 16.44
C THR B 9 -0.42 4.62 17.26
N ILE B 10 0.56 5.48 17.00
CA ILE B 10 0.57 6.80 17.61
C ILE B 10 -0.19 7.82 16.77
N PHE B 11 -0.73 7.37 15.64
CA PHE B 11 -1.61 8.20 14.82
C PHE B 11 -2.95 7.52 14.55
N PRO B 12 -3.77 7.34 15.59
CA PRO B 12 -5.06 6.66 15.43
C PRO B 12 -5.94 7.30 14.36
N GLU B 13 -5.82 8.61 14.17
CA GLU B 13 -6.63 9.31 13.17
C GLU B 13 -6.37 8.83 11.74
N TYR B 14 -5.15 8.36 11.46
CA TYR B 14 -4.82 7.86 10.12
C TYR B 14 -5.58 6.57 9.78
N LEU B 15 -6.09 5.86 10.77
CA LEU B 15 -6.74 4.58 10.53
C LEU B 15 -8.25 4.72 10.31
N GLN B 16 -8.73 5.96 10.32
CA GLN B 16 -10.16 6.24 10.08
C GLN B 16 -10.73 5.63 8.78
N PRO B 17 -9.95 5.60 7.68
CA PRO B 17 -10.55 5.04 6.46
C PRO B 17 -11.00 3.56 6.53
N VAL B 18 -10.77 2.87 7.64
CA VAL B 18 -11.31 1.52 7.80
C VAL B 18 -12.84 1.52 7.88
N ARG B 19 -13.41 2.68 8.21
CA ARG B 19 -14.86 2.80 8.37
C ARG B 19 -15.54 3.13 7.05
N GLY B 30 -20.32 -7.41 10.68
CA GLY B 30 -20.68 -8.20 11.83
C GLY B 30 -19.78 -9.40 12.04
N LEU B 31 -19.13 -9.84 10.97
CA LEU B 31 -18.24 -10.99 11.04
C LEU B 31 -16.83 -10.56 11.46
N VAL B 32 -16.59 -9.25 11.49
CA VAL B 32 -15.27 -8.73 11.85
C VAL B 32 -15.38 -7.41 12.60
N ASP B 33 -14.58 -7.29 13.66
CA ASP B 33 -14.45 -6.05 14.40
C ASP B 33 -13.03 -5.51 14.24
N VAL B 34 -12.91 -4.22 14.01
CA VAL B 34 -11.59 -3.58 13.91
C VAL B 34 -11.53 -2.47 14.96
N ALA B 35 -10.51 -2.54 15.82
CA ALA B 35 -10.34 -1.54 16.87
C ALA B 35 -8.99 -0.87 16.73
N VAL B 36 -8.95 0.45 16.94
CA VAL B 36 -7.72 1.22 16.82
C VAL B 36 -7.31 1.78 18.17
N HIS B 37 -6.04 1.58 18.55
CA HIS B 37 -5.55 1.99 19.85
C HIS B 37 -4.39 2.96 19.74
N ASP B 38 -4.50 4.07 20.47
CA ASP B 38 -3.42 5.03 20.62
C ASP B 38 -2.32 4.46 21.51
N LEU B 39 -1.13 4.26 20.95
CA LEU B 39 -0.01 3.69 21.72
C LEU B 39 0.29 4.54 22.97
N ARG B 40 0.10 5.86 22.88
CA ARG B 40 0.46 6.74 23.98
C ARG B 40 -0.37 6.51 25.24
N ARG B 41 -1.48 5.79 25.09
CA ARG B 41 -2.31 5.37 26.22
C ARG B 41 -1.49 4.58 27.25
N TRP B 42 -0.42 3.94 26.81
CA TRP B 42 0.37 3.07 27.68
C TRP B 42 1.67 3.72 28.19
N THR B 43 1.81 5.03 28.03
CA THR B 43 3.03 5.70 28.46
C THR B 43 2.97 6.06 29.94
N SER B 49 6.98 10.07 26.07
CA SER B 49 7.93 9.95 24.97
C SER B 49 8.08 8.49 24.52
N VAL B 50 7.76 8.24 23.26
CA VAL B 50 7.75 6.87 22.78
C VAL B 50 9.01 6.50 22.03
N ASP B 51 9.96 7.43 21.89
CA ASP B 51 11.13 7.20 21.06
C ASP B 51 12.42 7.76 21.63
N ASP B 52 13.55 7.24 21.16
CA ASP B 52 14.86 7.78 21.56
C ASP B 52 15.89 7.44 20.49
N SER B 53 17.09 8.00 20.64
CA SER B 53 18.14 7.81 19.64
C SER B 53 18.62 6.37 19.60
N PRO B 54 19.05 5.90 18.42
CA PRO B 54 19.46 4.50 18.30
C PRO B 54 20.78 4.23 18.98
N TYR B 55 20.85 3.09 19.66
CA TYR B 55 22.13 2.59 20.10
C TYR B 55 22.99 2.31 18.88
N GLY B 56 24.29 2.63 18.98
CA GLY B 56 25.19 2.40 17.86
C GLY B 56 25.22 3.54 16.88
N GLY B 57 24.35 4.53 17.08
CA GLY B 57 24.33 5.69 16.20
C GLY B 57 23.44 5.57 14.97
N GLY B 58 23.40 6.64 14.19
CA GLY B 58 22.58 6.67 13.00
C GLY B 58 21.57 7.79 13.10
N PRO B 59 20.94 8.13 11.97
CA PRO B 59 19.97 9.23 11.97
C PRO B 59 18.64 8.82 12.56
N GLY B 60 17.90 9.80 13.05
CA GLY B 60 16.53 9.57 13.46
C GLY B 60 16.38 8.91 14.82
N MET B 61 15.20 8.36 15.04
CA MET B 61 14.82 7.86 16.35
C MET B 61 14.27 6.45 16.22
N VAL B 62 14.24 5.74 17.34
CA VAL B 62 13.72 4.37 17.39
C VAL B 62 12.63 4.33 18.44
N MET B 63 11.54 3.60 18.18
CA MET B 63 10.52 3.50 19.23
C MET B 63 11.00 2.59 20.36
N LYS B 64 10.82 3.08 21.58
CA LYS B 64 11.20 2.36 22.79
C LYS B 64 10.37 1.09 22.96
N PRO B 65 11.00 0.01 23.46
CA PRO B 65 10.28 -1.26 23.63
C PRO B 65 9.29 -1.23 24.81
N THR B 66 9.57 -0.40 25.79
CA THR B 66 8.81 -0.41 27.05
C THR B 66 7.32 -0.17 26.81
N VAL B 67 7.00 0.91 26.11
CA VAL B 67 5.61 1.27 25.82
C VAL B 67 4.92 0.20 24.97
N TRP B 68 5.62 -0.29 23.98
CA TRP B 68 5.08 -1.35 23.13
C TRP B 68 4.77 -2.62 23.91
N GLY B 69 5.69 -2.99 24.79
CA GLY B 69 5.52 -4.19 25.60
C GLY B 69 4.27 -4.12 26.45
N ASP B 70 4.04 -2.97 27.06
CA ASP B 70 2.87 -2.80 27.90
C ASP B 70 1.58 -2.87 27.08
N ALA B 71 1.57 -2.18 25.94
CA ALA B 71 0.43 -2.21 25.04
C ALA B 71 0.11 -3.63 24.60
N LEU B 72 1.12 -4.36 24.14
CA LEU B 72 0.89 -5.68 23.55
C LEU B 72 0.51 -6.69 24.63
N ASP B 73 1.06 -6.51 25.84
CA ASP B 73 0.67 -7.34 26.99
C ASP B 73 -0.85 -7.33 27.18
N GLU B 74 -1.44 -6.16 27.01
CA GLU B 74 -2.86 -5.96 27.30
C GLU B 74 -3.75 -6.44 26.16
N ILE B 75 -3.27 -6.23 24.94
CA ILE B 75 -4.07 -6.46 23.75
C ILE B 75 -3.96 -7.89 23.23
N CYS B 76 -2.76 -8.47 23.35
CA CYS B 76 -2.48 -9.78 22.77
C CYS B 76 -2.69 -10.94 23.72
N THR B 77 -3.02 -12.09 23.15
CA THR B 77 -2.97 -13.36 23.85
C THR B 77 -2.04 -14.29 23.11
N SER B 78 -1.89 -15.51 23.61
CA SER B 78 -1.02 -16.48 22.96
C SER B 78 -1.56 -16.94 21.60
N GLU B 79 -2.85 -16.69 21.35
CA GLU B 79 -3.48 -17.08 20.09
C GLU B 79 -3.36 -16.00 19.01
N THR B 80 -3.00 -14.79 19.43
CA THR B 80 -2.88 -13.63 18.55
C THR B 80 -1.83 -13.84 17.45
N LEU B 81 -2.13 -13.39 16.24
CA LEU B 81 -1.11 -13.26 15.22
C LEU B 81 -0.66 -11.81 15.22
N LEU B 82 0.56 -11.55 15.67
CA LEU B 82 1.06 -10.19 15.73
C LEU B 82 1.69 -9.83 14.41
N VAL B 83 1.14 -8.82 13.74
CA VAL B 83 1.64 -8.36 12.45
C VAL B 83 2.40 -7.05 12.64
N VAL B 84 3.64 -7.01 12.18
CA VAL B 84 4.45 -5.79 12.34
C VAL B 84 4.94 -5.34 10.98
N PRO B 85 4.26 -4.33 10.40
CA PRO B 85 4.76 -3.78 9.14
C PRO B 85 6.18 -3.23 9.31
N THR B 86 7.02 -3.47 8.31
CA THR B 86 8.37 -2.94 8.30
C THR B 86 8.91 -3.04 6.89
N PRO B 87 9.65 -2.03 6.44
CA PRO B 87 10.22 -2.12 5.09
C PRO B 87 11.19 -3.29 4.94
N ALA B 88 11.62 -3.84 6.07
CA ALA B 88 12.54 -4.97 6.06
C ALA B 88 11.83 -6.30 6.30
N GLY B 89 10.53 -6.32 6.07
CA GLY B 89 9.75 -7.52 6.40
C GLY B 89 9.76 -8.57 5.32
N TYR B 90 9.27 -9.77 5.66
CA TYR B 90 8.96 -10.75 4.62
C TYR B 90 7.88 -10.15 3.74
N PRO B 91 7.83 -10.53 2.45
CA PRO B 91 6.78 -9.92 1.62
C PRO B 91 5.37 -10.35 2.02
N PHE B 92 4.48 -9.37 2.12
CA PHE B 92 3.06 -9.63 2.24
C PHE B 92 2.47 -9.82 0.83
N THR B 93 1.97 -11.03 0.58
CA THR B 93 1.39 -11.38 -0.72
C THR B 93 -0.04 -11.87 -0.57
N GLN B 94 -0.66 -12.20 -1.71
CA GLN B 94 -2.02 -12.75 -1.68
C GLN B 94 -2.03 -14.06 -0.90
N GLU B 95 -0.95 -14.83 -0.99
CA GLU B 95 -0.85 -16.05 -0.19
C GLU B 95 -0.92 -15.72 1.31
N THR B 96 -0.20 -14.69 1.73
CA THR B 96 -0.27 -14.24 3.13
C THR B 96 -1.68 -13.86 3.50
N ALA B 97 -2.36 -13.14 2.60
CA ALA B 97 -3.72 -12.70 2.88
C ALA B 97 -4.65 -13.89 3.09
N TRP B 98 -4.54 -14.89 2.22
CA TRP B 98 -5.33 -16.10 2.41
C TRP B 98 -5.01 -16.77 3.74
N GLN B 99 -3.73 -16.81 4.07
CA GLN B 99 -3.32 -17.49 5.30
C GLN B 99 -3.91 -16.79 6.51
N TRP B 100 -3.91 -15.45 6.48
CA TRP B 100 -4.33 -14.70 7.66
C TRP B 100 -5.86 -14.59 7.72
N SER B 101 -6.53 -14.87 6.60
CA SER B 101 -7.98 -14.70 6.52
C SER B 101 -8.78 -15.62 7.48
N THR B 102 -8.16 -16.68 7.99
CA THR B 102 -8.87 -17.59 8.88
C THR B 102 -8.41 -17.44 10.33
N GLU B 103 -7.66 -16.37 10.62
CA GLU B 103 -7.22 -16.10 12.00
C GLU B 103 -8.33 -15.51 12.83
N ASP B 104 -8.33 -15.81 14.12
CA ASP B 104 -9.33 -15.26 15.03
C ASP B 104 -8.95 -13.84 15.45
N HIS B 105 -7.65 -13.58 15.52
CA HIS B 105 -7.18 -12.33 16.10
C HIS B 105 -5.88 -11.83 15.50
N LEU B 106 -5.97 -10.74 14.74
CA LEU B 106 -4.80 -10.04 14.25
C LEU B 106 -4.55 -8.80 15.08
N VAL B 107 -3.32 -8.62 15.52
CA VAL B 107 -2.91 -7.33 16.09
C VAL B 107 -1.85 -6.73 15.18
N ILE B 108 -2.08 -5.50 14.72
CA ILE B 108 -1.13 -4.87 13.81
C ILE B 108 -0.43 -3.73 14.53
N ALA B 109 0.86 -3.91 14.77
CA ALA B 109 1.64 -2.93 15.50
C ALA B 109 2.29 -1.97 14.53
N CYS B 110 1.77 -0.75 14.45
CA CYS B 110 2.28 0.26 13.51
C CYS B 110 3.28 1.19 14.18
N GLY B 111 4.51 1.20 13.69
CA GLY B 111 5.48 2.15 14.21
C GLY B 111 5.75 3.32 13.28
N ARG B 112 6.63 4.20 13.75
CA ARG B 112 7.02 5.41 13.06
C ARG B 112 8.52 5.60 13.24
N TYR B 113 9.01 6.80 12.90
CA TYR B 113 10.44 7.10 12.99
C TYR B 113 11.26 6.07 12.20
N GLU B 114 12.38 5.62 12.74
CA GLU B 114 13.22 4.67 12.03
C GLU B 114 12.81 3.23 12.29
N GLY B 115 11.77 3.05 13.09
CA GLY B 115 11.28 1.71 13.38
C GLY B 115 11.11 1.45 14.85
N ILE B 116 10.79 0.21 15.18
CA ILE B 116 10.53 -0.23 16.56
C ILE B 116 11.71 -1.06 17.03
N ASP B 117 12.18 -0.79 18.25
CA ASP B 117 13.20 -1.62 18.91
C ASP B 117 12.93 -3.10 18.65
N GLN B 118 13.93 -3.82 18.14
CA GLN B 118 13.73 -5.20 17.69
C GLN B 118 13.28 -6.13 18.81
N ARG B 119 13.57 -5.78 20.06
CA ARG B 119 13.19 -6.65 21.17
C ARG B 119 11.67 -6.75 21.34
N VAL B 120 10.92 -5.80 20.82
CA VAL B 120 9.46 -5.87 20.91
C VAL B 120 8.94 -7.11 20.21
N ALA B 121 9.33 -7.29 18.94
CA ALA B 121 8.93 -8.46 18.19
C ALA B 121 9.55 -9.72 18.78
N ASP B 122 10.80 -9.61 19.24
CA ASP B 122 11.49 -10.78 19.79
C ASP B 122 10.81 -11.26 21.08
N ASP B 123 10.50 -10.33 21.97
CA ASP B 123 9.77 -10.66 23.20
C ASP B 123 8.40 -11.24 22.89
N ALA B 124 7.68 -10.60 21.97
CA ALA B 124 6.36 -11.10 21.60
C ALA B 124 6.42 -12.54 21.07
N ALA B 125 7.49 -12.86 20.34
CA ALA B 125 7.58 -14.18 19.71
C ALA B 125 7.77 -15.32 20.72
N THR B 126 8.11 -14.97 21.95
CA THR B 126 8.21 -15.98 23.01
C THR B 126 6.84 -16.39 23.52
N ARG B 127 5.79 -15.68 23.09
CA ARG B 127 4.46 -15.85 23.64
CA ARG B 127 4.46 -15.88 23.64
C ARG B 127 3.40 -16.09 22.56
N MET B 128 3.66 -15.57 21.36
CA MET B 128 2.71 -15.66 20.26
C MET B 128 3.43 -15.74 18.93
N ARG B 129 2.67 -15.98 17.86
CA ARG B 129 3.22 -15.95 16.50
C ARG B 129 3.37 -14.50 16.04
N VAL B 130 4.53 -14.20 15.47
CA VAL B 130 4.82 -12.83 15.03
C VAL B 130 5.21 -12.84 13.58
N ARG B 131 4.69 -11.88 12.81
CA ARG B 131 5.01 -11.79 11.39
C ARG B 131 5.46 -10.38 11.05
N GLU B 132 6.74 -10.21 10.75
CA GLU B 132 7.23 -8.93 10.26
C GLU B 132 7.11 -8.92 8.73
N VAL B 133 6.33 -7.99 8.19
CA VAL B 133 6.04 -8.01 6.75
C VAL B 133 6.14 -6.64 6.09
N SER B 134 6.41 -6.66 4.80
CA SER B 134 6.42 -5.45 3.99
C SER B 134 5.39 -5.57 2.90
N ILE B 135 4.65 -4.48 2.63
CA ILE B 135 3.64 -4.53 1.56
C ILE B 135 4.20 -4.20 0.19
N GLY B 136 5.47 -3.80 0.10
CA GLY B 136 6.03 -3.53 -1.22
C GLY B 136 7.38 -2.83 -1.15
N ASP B 137 8.03 -2.72 -2.30
CA ASP B 137 9.41 -2.19 -2.34
C ASP B 137 9.43 -0.69 -2.59
N TYR B 138 8.96 0.04 -1.59
CA TYR B 138 8.96 1.48 -1.54
C TYR B 138 8.97 1.84 -0.07
N VAL B 139 9.30 3.09 0.24
CA VAL B 139 9.44 3.51 1.63
C VAL B 139 8.30 4.41 2.07
N LEU B 140 7.70 4.07 3.21
CA LEU B 140 6.67 4.88 3.84
C LEU B 140 7.22 5.55 5.09
N ASN B 141 6.43 6.43 5.71
CA ASN B 141 6.87 7.06 6.95
C ASN B 141 6.52 6.25 8.19
N GLY B 142 5.71 5.20 8.02
CA GLY B 142 5.32 4.39 9.15
C GLY B 142 4.40 3.27 8.73
N GLY B 143 3.94 2.49 9.71
CA GLY B 143 3.19 1.27 9.41
C GLY B 143 1.71 1.45 9.07
N GLU B 144 1.17 2.64 9.28
CA GLU B 144 -0.28 2.84 9.21
C GLU B 144 -0.86 2.55 7.83
N ALA B 145 -0.24 3.08 6.77
CA ALA B 145 -0.78 2.82 5.42
C ALA B 145 -0.67 1.33 5.09
N ALA B 146 0.41 0.70 5.55
CA ALA B 146 0.56 -0.74 5.37
C ALA B 146 -0.55 -1.50 6.10
N ALA B 147 -0.90 -1.06 7.32
CA ALA B 147 -2.01 -1.70 8.03
C ALA B 147 -3.31 -1.61 7.23
N LEU B 148 -3.55 -0.46 6.60
CA LEU B 148 -4.78 -0.30 5.83
C LEU B 148 -4.83 -1.26 4.66
N VAL B 149 -3.69 -1.41 3.99
CA VAL B 149 -3.60 -2.35 2.88
C VAL B 149 -3.80 -3.79 3.35
N ILE B 150 -3.13 -4.16 4.44
CA ILE B 150 -3.21 -5.53 4.95
C ILE B 150 -4.64 -5.85 5.35
N ILE B 151 -5.28 -4.91 6.06
CA ILE B 151 -6.65 -5.15 6.51
C ILE B 151 -7.58 -5.32 5.31
N GLU B 152 -7.44 -4.47 4.31
CA GLU B 152 -8.31 -4.60 3.15
C GLU B 152 -8.08 -5.92 2.41
N ALA B 153 -6.83 -6.33 2.24
CA ALA B 153 -6.53 -7.54 1.48
C ALA B 153 -7.02 -8.78 2.24
N VAL B 154 -6.94 -8.71 3.56
CA VAL B 154 -7.33 -9.87 4.37
C VAL B 154 -8.85 -9.97 4.51
N LEU B 155 -9.49 -8.84 4.82
CA LEU B 155 -10.91 -8.86 5.15
C LEU B 155 -11.80 -9.31 4.00
N ARG B 156 -11.38 -9.03 2.77
CA ARG B 156 -12.20 -9.39 1.62
C ARG B 156 -12.17 -10.91 1.38
N LEU B 157 -11.28 -11.61 2.09
CA LEU B 157 -11.15 -13.06 1.97
C LEU B 157 -11.80 -13.82 3.12
N VAL B 158 -12.21 -13.10 4.15
CA VAL B 158 -12.75 -13.75 5.34
C VAL B 158 -14.05 -14.47 4.98
N PRO B 159 -14.17 -15.74 5.40
CA PRO B 159 -15.35 -16.53 5.02
C PRO B 159 -16.64 -15.83 5.42
N GLY B 160 -17.52 -15.61 4.46
CA GLY B 160 -18.75 -14.86 4.69
C GLY B 160 -18.68 -13.42 4.21
N VAL B 161 -17.65 -13.08 3.45
CA VAL B 161 -17.52 -11.74 2.88
C VAL B 161 -17.34 -11.80 1.37
N SER B 179 -0.61 -15.42 -10.02
CA SER B 179 -0.75 -16.24 -11.23
C SER B 179 -0.51 -15.41 -12.47
N LEU B 180 -1.57 -14.77 -12.97
CA LEU B 180 -1.50 -13.93 -14.17
C LEU B 180 -2.23 -12.62 -13.95
N LEU B 181 -1.91 -11.62 -14.76
CA LEU B 181 -2.54 -10.31 -14.61
C LEU B 181 -3.89 -10.26 -15.32
N GLU B 182 -4.83 -9.57 -14.69
CA GLU B 182 -6.14 -9.30 -15.29
C GLU B 182 -5.99 -8.55 -16.60
N GLY B 183 -6.75 -8.96 -17.61
CA GLY B 183 -6.79 -8.23 -18.85
C GLY B 183 -7.72 -7.04 -18.73
N PRO B 184 -7.91 -6.32 -19.84
CA PRO B 184 -8.75 -5.11 -19.85
C PRO B 184 -10.23 -5.46 -19.77
N SER B 185 -11.01 -4.53 -19.20
CA SER B 185 -12.46 -4.69 -19.09
C SER B 185 -13.13 -3.56 -19.86
N TYR B 186 -14.36 -3.81 -20.31
CA TYR B 186 -15.11 -2.82 -21.07
C TYR B 186 -16.58 -2.86 -20.69
N THR B 187 -17.25 -1.73 -20.83
CA THR B 187 -18.69 -1.71 -20.69
C THR B 187 -19.28 -0.68 -21.66
N ARG B 188 -20.58 -0.42 -21.54
CA ARG B 188 -21.29 0.39 -22.52
C ARG B 188 -20.83 1.86 -22.47
N PRO B 189 -20.85 2.58 -23.61
CA PRO B 189 -21.34 2.17 -24.94
C PRO B 189 -20.29 1.41 -25.75
N PRO B 190 -20.72 0.68 -26.79
CA PRO B 190 -19.76 -0.16 -27.51
C PRO B 190 -18.77 0.67 -28.34
N SER B 191 -19.12 1.91 -28.64
CA SER B 191 -18.18 2.85 -29.25
C SER B 191 -18.17 4.14 -28.43
N TRP B 192 -16.98 4.60 -28.07
CA TRP B 192 -16.85 5.81 -27.25
C TRP B 192 -15.65 6.61 -27.71
N ARG B 193 -15.89 7.88 -28.05
CA ARG B 193 -14.83 8.74 -28.62
C ARG B 193 -14.11 8.09 -29.79
N GLY B 194 -14.86 7.32 -30.58
CA GLY B 194 -14.28 6.64 -31.72
C GLY B 194 -13.42 5.44 -31.37
N MET B 195 -13.48 5.01 -30.11
CA MET B 195 -12.80 3.81 -29.64
C MET B 195 -13.78 2.67 -29.43
N ASP B 196 -13.58 1.56 -30.13
CA ASP B 196 -14.52 0.45 -30.08
C ASP B 196 -14.14 -0.59 -29.04
N VAL B 197 -15.14 -1.12 -28.36
CA VAL B 197 -14.93 -2.31 -27.56
C VAL B 197 -14.49 -3.42 -28.53
N PRO B 198 -13.47 -4.22 -28.14
CA PRO B 198 -13.05 -5.33 -29.01
C PRO B 198 -14.23 -6.16 -29.46
N PRO B 199 -14.40 -6.31 -30.79
CA PRO B 199 -15.58 -6.96 -31.36
C PRO B 199 -15.86 -8.35 -30.79
N VAL B 200 -14.83 -9.09 -30.44
CA VAL B 200 -15.02 -10.43 -29.90
C VAL B 200 -15.87 -10.39 -28.63
N LEU B 201 -15.74 -9.32 -27.85
CA LEU B 201 -16.47 -9.21 -26.59
C LEU B 201 -17.97 -9.00 -26.81
N LEU B 202 -18.34 -8.58 -28.03
CA LEU B 202 -19.75 -8.40 -28.36
C LEU B 202 -20.30 -9.60 -29.11
N SER B 203 -19.43 -10.55 -29.47
CA SER B 203 -19.80 -11.65 -30.36
C SER B 203 -20.67 -12.72 -29.69
N GLY B 204 -20.59 -12.80 -28.36
CA GLY B 204 -21.32 -13.82 -27.62
C GLY B 204 -20.72 -15.21 -27.74
N ASP B 205 -19.51 -15.28 -28.29
CA ASP B 205 -18.79 -16.55 -28.42
C ASP B 205 -17.91 -16.77 -27.17
N HIS B 206 -18.43 -17.54 -26.23
CA HIS B 206 -17.75 -17.79 -24.96
C HIS B 206 -16.31 -18.28 -25.14
N ALA B 207 -16.12 -19.21 -26.08
CA ALA B 207 -14.79 -19.77 -26.29
C ALA B 207 -13.81 -18.73 -26.86
N LYS B 208 -14.25 -17.99 -27.88
CA LYS B 208 -13.44 -16.95 -28.48
C LYS B 208 -13.15 -15.84 -27.46
N ILE B 209 -14.14 -15.53 -26.63
CA ILE B 209 -13.98 -14.51 -25.61
C ILE B 209 -12.98 -14.97 -24.55
N ALA B 210 -13.11 -16.23 -24.13
CA ALA B 210 -12.18 -16.78 -23.15
C ALA B 210 -10.74 -16.77 -23.68
N ALA B 211 -10.58 -17.12 -24.94
CA ALA B 211 -9.25 -17.18 -25.55
C ALA B 211 -8.63 -15.79 -25.74
N TRP B 212 -9.45 -14.83 -26.15
CA TRP B 212 -8.96 -13.47 -26.32
C TRP B 212 -8.54 -12.88 -24.99
N ARG B 213 -9.33 -13.16 -23.95
CA ARG B 213 -9.02 -12.68 -22.61
C ARG B 213 -7.76 -13.33 -22.04
N ALA B 214 -7.51 -14.57 -22.44
CA ALA B 214 -6.29 -15.26 -21.99
C ALA B 214 -5.08 -14.61 -22.66
N GLU B 215 -5.20 -14.37 -23.96
CA GLU B 215 -4.15 -13.73 -24.74
C GLU B 215 -3.84 -12.32 -24.21
N GLN B 216 -4.88 -11.57 -23.85
CA GLN B 216 -4.67 -10.22 -23.32
C GLN B 216 -3.90 -10.28 -22.01
N SER B 217 -4.29 -11.21 -21.14
CA SER B 217 -3.63 -11.39 -19.87
C SER B 217 -2.18 -11.81 -20.05
N ARG B 218 -1.93 -12.70 -21.01
CA ARG B 218 -0.57 -13.16 -21.29
C ARG B 218 0.29 -11.99 -21.78
N GLN B 219 -0.24 -11.21 -22.71
CA GLN B 219 0.49 -10.07 -23.24
C GLN B 219 0.79 -9.06 -22.11
N ARG B 220 -0.19 -8.82 -21.27
CA ARG B 220 -0.03 -7.91 -20.15
C ARG B 220 1.00 -8.38 -19.15
N THR B 221 0.95 -9.67 -18.84
CA THR B 221 1.85 -10.20 -17.82
C THR B 221 3.29 -10.16 -18.33
N ILE B 222 3.50 -10.58 -19.57
CA ILE B 222 4.83 -10.49 -20.19
C ILE B 222 5.40 -9.06 -20.18
N GLU B 223 4.55 -8.09 -20.52
CA GLU B 223 4.96 -6.70 -20.61
C GLU B 223 5.22 -6.07 -19.24
N ARG B 224 4.32 -6.34 -18.30
CA ARG B 224 4.33 -5.62 -17.02
C ARG B 224 4.92 -6.39 -15.85
N ARG B 225 4.75 -7.71 -15.84
CA ARG B 225 5.24 -8.52 -14.74
C ARG B 225 5.87 -9.80 -15.25
N PRO B 226 6.94 -9.69 -16.05
CA PRO B 226 7.53 -10.90 -16.63
C PRO B 226 8.00 -11.87 -15.54
N ASP B 227 8.30 -11.37 -14.36
CA ASP B 227 8.73 -12.22 -13.25
C ASP B 227 7.67 -13.26 -12.91
N LEU B 228 6.39 -12.94 -13.10
CA LEU B 228 5.32 -13.88 -12.72
C LEU B 228 5.34 -15.13 -13.60
N LEU B 229 5.91 -15.00 -14.80
CA LEU B 229 6.04 -16.11 -15.72
C LEU B 229 7.46 -16.65 -15.76
N GLY B 230 8.27 -16.25 -14.79
CA GLY B 230 9.62 -16.77 -14.68
C GLY B 230 10.62 -16.16 -15.63
N PHE B 231 10.42 -14.89 -15.98
CA PHE B 231 11.41 -14.16 -16.79
C PHE B 231 12.06 -13.02 -16.02
N ASP B 232 13.20 -12.55 -16.53
CA ASP B 232 13.92 -11.44 -15.92
C ASP B 232 13.07 -10.17 -15.86
N SER B 233 13.27 -9.41 -14.78
CA SER B 233 12.63 -8.10 -14.62
C SER B 233 13.43 -7.06 -15.37
N PRO B 234 12.75 -6.03 -15.91
CA PRO B 234 13.42 -5.01 -16.72
C PRO B 234 14.43 -4.16 -15.94
C13 JFT C . -7.68 -3.32 -7.12
C15 JFT C . -5.31 -3.31 -6.36
C20 JFT C . -3.92 -3.00 -6.35
C21 JFT C . -3.19 -1.75 -6.80
C24 JFT C . -7.30 -0.94 -8.57
C02 JFT C . -9.80 -1.35 -9.25
C03 JFT C . -10.72 -2.37 -8.89
C05 JFT C . -10.60 -4.42 -7.48
C06 JFT C . -10.23 -5.61 -8.37
C07 JFT C . -10.11 -5.46 -9.77
C08 JFT C . -9.77 -6.60 -10.54
C09 JFT C . -9.55 -7.83 -9.87
C11 JFT C . -9.99 -6.88 -7.81
C12 JFT C . -8.75 -2.77 -7.88
C14 JFT C . -6.45 -2.62 -7.06
C18 JFT C . -3.30 -4.03 -5.72
C23 JFT C . -6.23 -1.47 -7.83
C25 JFT C . -8.55 -1.60 -8.59
N04 JFT C . -10.06 -3.22 -8.08
N10 JFT C . -9.67 -7.92 -8.56
N16 JFT C . -5.43 -4.57 -5.87
N17 JFT C . -4.21 -4.96 -5.44
N19 JFT C . -1.87 -4.11 -5.44
N22 JFT C . -2.61 -0.84 -7.13
CL1 JFT C . -10.03 0.00 -10.29
C13 JFT D . 7.92 2.05 7.10
C15 JFT D . 7.02 0.62 5.28
C20 JFT D . 6.52 -0.56 4.65
C21 JFT D . 5.70 -1.71 5.18
C24 JFT D . 6.91 0.24 9.04
C02 JFT D . 8.09 1.91 10.67
C03 JFT D . 8.82 3.10 10.45
C05 JFT D . 9.52 4.39 8.46
C06 JFT D . 10.88 3.88 8.01
C07 JFT D . 11.62 2.95 8.77
C08 JFT D . 12.88 2.51 8.31
C09 JFT D . 13.37 3.00 7.07
C11 JFT D . 11.46 4.30 6.79
C12 JFT D . 8.14 2.28 8.48
C14 JFT D . 7.13 0.94 6.74
C18 JFT D . 6.83 -0.43 3.32
C23 JFT D . 6.66 0.02 7.69
C25 JFT D . 7.66 1.39 9.42
N04 JFT D . 8.84 3.30 9.12
N10 JFT D . 12.64 3.87 6.37
N16 JFT D . 7.71 1.32 4.34
N17 JFT D . 7.55 0.69 3.17
N19 JFT D . 6.46 -1.38 2.30
N22 JFT D . 5.08 -2.58 5.52
CL1 JFT D . 7.77 1.14 12.17
#